data_1URG
#
_entry.id   1URG
#
_cell.length_a   50.110
_cell.length_b   72.160
_cell.length_c   57.780
_cell.angle_alpha   90.00
_cell.angle_beta   109.63
_cell.angle_gamma   90.00
#
_symmetry.space_group_name_H-M   'P 1 21 1'
#
loop_
_entity.id
_entity.type
_entity.pdbx_description
1 polymer 'MALTOSE-BINDING PROTEIN'
2 branched alpha-D-glucopyranose-(1-4)-alpha-D-glucopyranose
3 water water
#
_entity_poly.entity_id   1
_entity_poly.type   'polypeptide(L)'
_entity_poly.pdbx_seq_one_letter_code
;CGTSNGGQNTSPSTSSSSAKGEASALPKGQTITVWSWQTGPELQDVKQIAAQWAKAHGDKVIVVDQSSNPKGFQFYATAA
RTGKGPDVVFGMPHDNNGVFAEEGLMAPVPSGVLNTGLYAPNTIDAIKVNGTMYSVPVSVQVAAIYYNKKLVPQPPQTWA
EFVKDANAHGFMYDQANLYFDYAIIGGYGGYVFKDNNGTLDPNNIGLDTPGAVQAYTLMRDMVSKYHWMTPSTNGSIAKA
EFLAGKIGMYVSGPWDTADIEKAKIDFGVTPWPTLPNGKHATPFLGVITAFVNKESKTQAADWSLVQALTSAQAQQMYFR
DSQQIPALLSVQRSSAVQSSPTFKAFVEQLRYAVPMPNIPQMQAVWQAMSILQNIIAGKVSPEQGAKDFVQNIQKGIMAQ
GS
;
_entity_poly.pdbx_strand_id   A
#
# COMPACT_ATOMS: atom_id res chain seq x y z
N GLN A 30 22.42 4.78 26.43
CA GLN A 30 20.99 5.00 26.18
C GLN A 30 20.53 4.22 24.96
N THR A 31 19.26 4.36 24.60
CA THR A 31 18.72 3.61 23.48
C THR A 31 17.90 4.43 22.48
N ILE A 32 17.90 3.97 21.24
CA ILE A 32 17.13 4.59 20.17
C ILE A 32 16.13 3.51 19.78
N THR A 33 14.85 3.85 19.77
CA THR A 33 13.84 2.86 19.42
C THR A 33 13.27 3.05 18.04
N VAL A 34 13.24 1.96 17.28
CA VAL A 34 12.72 1.96 15.93
C VAL A 34 11.51 1.03 15.85
N TRP A 35 10.41 1.53 15.29
CA TRP A 35 9.22 0.72 15.08
C TRP A 35 9.13 0.44 13.58
N SER A 36 9.03 -0.83 13.22
CA SER A 36 8.94 -1.21 11.81
C SER A 36 7.60 -1.86 11.50
N TRP A 37 6.93 -1.37 10.46
CA TRP A 37 5.67 -1.97 10.06
C TRP A 37 5.92 -2.97 8.95
N GLN A 38 7.20 -3.17 8.62
CA GLN A 38 7.58 -4.16 7.62
C GLN A 38 8.16 -5.30 8.43
N THR A 39 7.79 -6.52 8.07
CA THR A 39 8.26 -7.69 8.81
C THR A 39 8.96 -8.65 7.86
N GLY A 40 9.18 -9.88 8.31
CA GLY A 40 9.83 -10.86 7.45
C GLY A 40 11.30 -10.58 7.15
N PRO A 41 11.80 -11.03 5.98
CA PRO A 41 13.20 -10.86 5.55
C PRO A 41 13.70 -9.41 5.66
N GLU A 42 12.87 -8.47 5.24
CA GLU A 42 13.25 -7.05 5.29
C GLU A 42 13.52 -6.61 6.72
N LEU A 43 12.72 -7.10 7.66
CA LEU A 43 12.92 -6.73 9.06
C LEU A 43 14.30 -7.19 9.52
N GLN A 44 14.72 -8.38 9.10
CA GLN A 44 16.03 -8.88 9.47
C GLN A 44 17.13 -7.99 8.91
N ASP A 45 16.93 -7.49 7.70
CA ASP A 45 17.93 -6.61 7.09
C ASP A 45 17.98 -5.31 7.89
N VAL A 46 16.81 -4.80 8.30
CA VAL A 46 16.74 -3.58 9.09
C VAL A 46 17.54 -3.74 10.38
N LYS A 47 17.41 -4.89 11.01
CA LYS A 47 18.12 -5.17 12.25
C LYS A 47 19.63 -5.23 12.09
N GLN A 48 20.11 -5.85 11.00
CA GLN A 48 21.54 -5.96 10.79
C GLN A 48 22.15 -4.59 10.45
N ILE A 49 21.42 -3.77 9.70
CA ILE A 49 21.92 -2.46 9.33
C ILE A 49 21.97 -1.58 10.58
N ALA A 50 20.95 -1.70 11.42
CA ALA A 50 20.90 -0.92 12.65
C ALA A 50 22.04 -1.33 13.58
N ALA A 51 22.28 -2.63 13.67
CA ALA A 51 23.35 -3.14 14.53
C ALA A 51 24.70 -2.56 14.12
N GLN A 52 24.95 -2.49 12.81
CA GLN A 52 26.21 -1.95 12.29
C GLN A 52 26.34 -0.47 12.60
N TRP A 53 25.25 0.26 12.44
CA TRP A 53 25.23 1.69 12.71
C TRP A 53 25.53 1.92 14.19
N ALA A 54 24.93 1.08 15.03
CA ALA A 54 25.11 1.19 16.47
C ALA A 54 26.54 0.93 16.93
N LYS A 55 27.25 0.03 16.27
CA LYS A 55 28.62 -0.28 16.65
C LYS A 55 29.51 0.96 16.52
N ALA A 56 29.23 1.79 15.53
CA ALA A 56 30.00 3.00 15.30
C ALA A 56 29.56 4.15 16.22
N HIS A 57 28.25 4.29 16.40
CA HIS A 57 27.70 5.37 17.21
C HIS A 57 27.62 5.15 18.71
N GLY A 58 27.57 3.90 19.14
CA GLY A 58 27.53 3.63 20.58
C GLY A 58 26.15 3.54 21.19
N ASP A 59 25.15 4.09 20.52
CA ASP A 59 23.79 4.05 21.04
C ASP A 59 23.28 2.63 20.84
N LYS A 60 22.42 2.18 21.74
CA LYS A 60 21.83 0.84 21.63
C LYS A 60 20.55 1.05 20.81
N VAL A 61 20.36 0.27 19.77
CA VAL A 61 19.18 0.42 18.93
C VAL A 61 18.25 -0.78 19.06
N ILE A 62 16.99 -0.49 19.37
CA ILE A 62 15.99 -1.54 19.52
C ILE A 62 14.96 -1.45 18.40
N VAL A 63 14.71 -2.57 17.74
CA VAL A 63 13.74 -2.59 16.66
C VAL A 63 12.52 -3.40 17.10
N VAL A 64 11.35 -2.81 16.94
CA VAL A 64 10.10 -3.46 17.32
C VAL A 64 9.21 -3.67 16.09
N ASP A 65 8.73 -4.90 15.93
CA ASP A 65 7.87 -5.26 14.81
C ASP A 65 6.42 -4.92 15.16
N GLN A 66 5.86 -3.93 14.48
CA GLN A 66 4.49 -3.49 14.73
C GLN A 66 3.54 -3.92 13.61
N SER A 67 4.04 -4.71 12.67
CA SER A 67 3.22 -5.14 11.54
C SER A 67 1.93 -5.85 11.92
N SER A 68 1.92 -6.56 13.04
CA SER A 68 0.73 -7.29 13.47
C SER A 68 -0.15 -6.55 14.47
N ASN A 69 0.26 -5.37 14.89
CA ASN A 69 -0.52 -4.59 15.86
C ASN A 69 -1.93 -4.33 15.34
N PRO A 70 -2.95 -4.85 16.05
CA PRO A 70 -4.35 -4.66 15.64
C PRO A 70 -4.79 -3.21 15.48
N LYS A 71 -4.09 -2.28 16.13
CA LYS A 71 -4.42 -0.87 16.01
C LYS A 71 -4.02 -0.32 14.64
N GLY A 72 -3.26 -1.08 13.88
CA GLY A 72 -2.86 -0.65 12.55
C GLY A 72 -1.79 0.42 12.47
N PHE A 73 -1.63 0.97 11.25
CA PHE A 73 -0.64 2.00 11.00
C PHE A 73 -0.83 3.25 11.85
N GLN A 74 -2.09 3.62 12.08
CA GLN A 74 -2.38 4.81 12.89
C GLN A 74 -2.03 4.65 14.36
N PHE A 75 -1.53 3.48 14.76
CA PHE A 75 -1.17 3.29 16.16
C PHE A 75 -0.04 4.23 16.53
N TYR A 76 0.74 4.66 15.53
CA TYR A 76 1.85 5.57 15.82
C TYR A 76 1.35 6.87 16.44
N ALA A 77 0.24 7.38 15.93
CA ALA A 77 -0.29 8.63 16.46
C ALA A 77 -0.79 8.41 17.88
N THR A 78 -1.52 7.31 18.08
CA THR A 78 -2.04 7.01 19.40
C THR A 78 -0.92 6.98 20.42
N ALA A 79 0.16 6.28 20.10
CA ALA A 79 1.31 6.19 21.00
C ALA A 79 2.04 7.52 21.14
N ALA A 80 2.35 8.15 20.00
CA ALA A 80 3.08 9.42 20.02
C ALA A 80 2.34 10.56 20.73
N ARG A 81 1.03 10.46 20.82
CA ARG A 81 0.22 11.48 21.49
C ARG A 81 0.44 11.46 22.99
N THR A 82 0.71 10.28 23.53
CA THR A 82 0.93 10.13 24.96
C THR A 82 2.39 9.96 25.33
N GLY A 83 3.29 10.39 24.45
CA GLY A 83 4.70 10.29 24.72
C GLY A 83 5.27 8.88 24.79
N LYS A 84 4.57 7.91 24.21
CA LYS A 84 5.05 6.53 24.23
C LYS A 84 5.52 6.07 22.86
N GLY A 85 5.74 7.02 21.95
CA GLY A 85 6.17 6.67 20.61
C GLY A 85 7.65 6.35 20.43
N PRO A 86 8.03 5.79 19.27
CA PRO A 86 9.42 5.45 19.00
C PRO A 86 10.19 6.69 18.55
N ASP A 87 11.50 6.56 18.42
CA ASP A 87 12.30 7.68 17.96
C ASP A 87 12.20 7.71 16.44
N VAL A 88 12.25 6.52 15.85
CA VAL A 88 12.22 6.34 14.40
C VAL A 88 11.16 5.35 13.96
N VAL A 89 10.51 5.64 12.84
CA VAL A 89 9.50 4.74 12.29
C VAL A 89 9.97 4.32 10.91
N PHE A 90 9.94 3.01 10.65
CA PHE A 90 10.35 2.48 9.36
C PHE A 90 9.21 1.68 8.73
N GLY A 91 9.04 1.83 7.41
CA GLY A 91 8.03 1.08 6.70
C GLY A 91 6.58 1.56 6.79
N MET A 92 6.36 2.87 6.88
CA MET A 92 5.01 3.41 6.97
C MET A 92 4.46 3.85 5.62
N PRO A 93 3.27 3.34 5.21
CA PRO A 93 2.68 3.73 3.92
C PRO A 93 2.43 5.23 4.00
N HIS A 94 2.76 5.94 2.93
CA HIS A 94 2.69 7.39 2.94
C HIS A 94 1.36 8.07 3.21
N ASP A 95 0.26 7.40 2.95
CA ASP A 95 -1.05 8.01 3.17
C ASP A 95 -1.27 8.39 4.63
N ASN A 96 -0.69 7.60 5.54
CA ASN A 96 -0.84 7.82 6.98
C ASN A 96 -0.16 9.06 7.53
N ASN A 97 0.90 9.51 6.86
CA ASN A 97 1.67 10.65 7.34
C ASN A 97 0.95 12.00 7.39
N GLY A 98 -0.12 12.16 6.62
CA GLY A 98 -0.85 13.41 6.65
C GLY A 98 -1.36 13.71 8.06
N VAL A 99 -1.84 12.68 8.72
CA VAL A 99 -2.37 12.83 10.08
C VAL A 99 -1.25 13.15 11.06
N PHE A 100 -0.16 12.40 10.97
CA PHE A 100 0.98 12.60 11.86
C PHE A 100 1.55 14.00 11.73
N ALA A 101 1.76 14.42 10.49
CA ALA A 101 2.32 15.73 10.20
C ALA A 101 1.45 16.88 10.72
N GLU A 102 0.16 16.82 10.45
CA GLU A 102 -0.76 17.87 10.91
C GLU A 102 -0.78 18.00 12.42
N GLU A 103 -0.67 16.88 13.13
CA GLU A 103 -0.70 16.92 14.58
C GLU A 103 0.66 17.22 15.18
N GLY A 104 1.64 17.52 14.34
CA GLY A 104 2.97 17.84 14.81
C GLY A 104 3.71 16.70 15.49
N LEU A 105 3.58 15.49 14.94
CA LEU A 105 4.26 14.33 15.51
C LEU A 105 5.46 13.93 14.67
N MET A 106 5.74 14.69 13.60
CA MET A 106 6.86 14.38 12.72
C MET A 106 7.86 15.53 12.62
N ALA A 107 9.15 15.20 12.62
CA ALA A 107 10.18 16.21 12.48
C ALA A 107 10.36 16.40 10.98
N PRO A 108 10.36 17.65 10.49
CA PRO A 108 10.54 17.86 9.06
C PRO A 108 11.90 17.30 8.64
N VAL A 109 12.01 16.84 7.40
CA VAL A 109 13.26 16.30 6.90
C VAL A 109 14.27 17.45 6.80
N PRO A 110 15.45 17.30 7.42
CA PRO A 110 16.43 18.38 7.34
C PRO A 110 17.06 18.51 5.94
N SER A 111 17.58 19.70 5.63
CA SER A 111 18.20 19.91 4.33
C SER A 111 19.40 19.00 4.13
N GLY A 112 19.62 18.59 2.88
CA GLY A 112 20.76 17.73 2.58
C GLY A 112 20.50 16.23 2.65
N VAL A 113 19.37 15.84 3.24
CA VAL A 113 19.04 14.42 3.38
C VAL A 113 18.35 13.86 2.15
N LEU A 114 17.43 14.61 1.56
CA LEU A 114 16.71 14.15 0.39
C LEU A 114 17.06 14.90 -0.88
N ASN A 115 17.46 14.17 -1.91
CA ASN A 115 17.77 14.75 -3.21
C ASN A 115 16.57 14.37 -4.07
N THR A 116 15.63 15.29 -4.23
CA THR A 116 14.41 15.02 -5.00
C THR A 116 14.64 14.48 -6.39
N GLY A 117 15.82 14.75 -6.97
CA GLY A 117 16.09 14.29 -8.31
C GLY A 117 16.40 12.80 -8.44
N LEU A 118 16.57 12.12 -7.32
CA LEU A 118 16.88 10.69 -7.36
C LEU A 118 15.65 9.78 -7.34
N TYR A 119 14.46 10.39 -7.36
CA TYR A 119 13.20 9.65 -7.33
C TYR A 119 12.24 10.13 -8.42
N ALA A 120 11.21 9.34 -8.71
CA ALA A 120 10.21 9.75 -9.69
C ALA A 120 9.46 10.88 -9.00
N PRO A 121 8.95 11.85 -9.78
CA PRO A 121 8.22 12.97 -9.17
C PRO A 121 7.07 12.59 -8.24
N ASN A 122 6.28 11.58 -8.62
CA ASN A 122 5.16 11.17 -7.78
C ASN A 122 5.61 10.64 -6.42
N THR A 123 6.79 10.05 -6.38
CA THR A 123 7.33 9.51 -5.13
C THR A 123 7.58 10.65 -4.15
N ILE A 124 8.13 11.75 -4.65
CA ILE A 124 8.42 12.91 -3.81
C ILE A 124 7.14 13.62 -3.36
N ASP A 125 6.19 13.78 -4.27
CA ASP A 125 4.94 14.45 -3.92
C ASP A 125 4.24 13.66 -2.81
N ALA A 126 4.43 12.35 -2.83
CA ALA A 126 3.81 11.49 -1.84
C ALA A 126 4.30 11.73 -0.43
N ILE A 127 5.54 12.19 -0.29
CA ILE A 127 6.09 12.42 1.04
C ILE A 127 5.97 13.86 1.52
N LYS A 128 5.42 14.73 0.67
CA LYS A 128 5.23 16.12 1.05
C LYS A 128 3.83 16.29 1.64
N VAL A 129 3.76 17.02 2.75
CA VAL A 129 2.47 17.29 3.39
C VAL A 129 2.40 18.81 3.55
N ASN A 130 1.40 19.42 2.95
CA ASN A 130 1.24 20.87 2.99
C ASN A 130 2.50 21.58 2.50
N GLY A 131 3.17 20.98 1.52
CA GLY A 131 4.37 21.58 0.95
C GLY A 131 5.68 21.29 1.65
N THR A 132 5.64 20.56 2.76
CA THR A 132 6.86 20.23 3.49
C THR A 132 7.15 18.74 3.42
N MET A 133 8.42 18.40 3.17
CA MET A 133 8.81 17.01 3.10
C MET A 133 8.96 16.50 4.54
N TYR A 134 8.17 15.49 4.89
CA TYR A 134 8.19 14.94 6.25
C TYR A 134 8.73 13.52 6.39
N SER A 135 9.00 12.83 5.29
CA SER A 135 9.53 11.48 5.40
C SER A 135 10.41 11.11 4.22
N VAL A 136 11.15 10.02 4.38
CA VAL A 136 12.04 9.55 3.34
C VAL A 136 11.47 8.32 2.65
N PRO A 137 11.39 8.33 1.31
CA PRO A 137 10.84 7.16 0.62
C PRO A 137 11.85 6.01 0.62
N VAL A 138 11.33 4.79 0.78
CA VAL A 138 12.19 3.60 0.82
C VAL A 138 11.83 2.64 -0.30
N SER A 139 10.53 2.48 -0.55
CA SER A 139 10.08 1.59 -1.62
C SER A 139 8.75 2.07 -2.20
N VAL A 140 8.42 1.55 -3.38
CA VAL A 140 7.17 1.92 -4.04
C VAL A 140 6.38 0.65 -4.29
N GLN A 141 5.07 0.73 -4.10
CA GLN A 141 4.23 -0.45 -4.25
C GLN A 141 3.00 -0.26 -5.12
N VAL A 142 2.72 -1.27 -5.93
CA VAL A 142 1.53 -1.29 -6.76
C VAL A 142 1.08 -2.74 -6.78
N ALA A 143 -0.12 -2.99 -6.25
CA ALA A 143 -0.68 -4.33 -6.20
C ALA A 143 -0.79 -4.90 -7.60
N ALA A 144 -0.67 -6.22 -7.70
CA ALA A 144 -0.75 -6.92 -8.98
C ALA A 144 -1.36 -8.29 -8.73
N ILE A 145 -1.54 -9.04 -9.79
CA ILE A 145 -2.10 -10.38 -9.67
C ILE A 145 -1.00 -11.42 -9.61
N TYR A 146 -0.99 -12.20 -8.53
CA TYR A 146 -0.01 -13.27 -8.38
C TYR A 146 -0.75 -14.52 -8.80
N TYR A 147 -0.16 -15.29 -9.71
CA TYR A 147 -0.80 -16.50 -10.17
C TYR A 147 0.07 -17.73 -10.04
N ASN A 148 -0.58 -18.87 -9.89
CA ASN A 148 0.10 -20.15 -9.76
C ASN A 148 0.26 -20.72 -11.17
N LYS A 149 1.50 -20.80 -11.65
CA LYS A 149 1.79 -21.30 -12.99
C LYS A 149 1.36 -22.75 -13.21
N LYS A 150 1.12 -23.47 -12.12
CA LYS A 150 0.69 -24.86 -12.18
C LYS A 150 -0.74 -24.91 -12.71
N LEU A 151 -1.54 -23.92 -12.30
CA LEU A 151 -2.93 -23.85 -12.70
C LEU A 151 -3.16 -22.88 -13.85
N VAL A 152 -2.39 -21.78 -13.86
CA VAL A 152 -2.52 -20.77 -14.91
C VAL A 152 -1.19 -20.55 -15.61
N PRO A 153 -0.89 -21.37 -16.64
CA PRO A 153 0.35 -21.28 -17.41
C PRO A 153 0.61 -19.89 -17.99
N GLN A 154 -0.41 -19.33 -18.64
CA GLN A 154 -0.30 -18.01 -19.24
C GLN A 154 -1.26 -17.06 -18.54
N PRO A 155 -0.76 -15.91 -18.08
CA PRO A 155 -1.60 -14.93 -17.38
C PRO A 155 -2.60 -14.25 -18.30
N PRO A 156 -3.83 -14.01 -17.81
CA PRO A 156 -4.84 -13.35 -18.64
C PRO A 156 -4.54 -11.86 -18.73
N GLN A 157 -4.91 -11.25 -19.85
CA GLN A 157 -4.67 -9.83 -20.02
C GLN A 157 -5.95 -9.06 -20.29
N THR A 158 -6.98 -9.76 -20.77
CA THR A 158 -8.28 -9.14 -21.03
C THR A 158 -9.28 -9.74 -20.07
N TRP A 159 -10.39 -9.04 -19.85
CA TRP A 159 -11.40 -9.53 -18.92
C TRP A 159 -11.95 -10.90 -19.33
N ALA A 160 -12.07 -11.12 -20.63
CA ALA A 160 -12.58 -12.39 -21.14
C ALA A 160 -11.71 -13.56 -20.71
N GLU A 161 -10.40 -13.40 -20.87
CA GLU A 161 -9.45 -14.44 -20.50
C GLU A 161 -9.46 -14.64 -18.98
N PHE A 162 -9.60 -13.52 -18.27
CA PHE A 162 -9.62 -13.55 -16.81
C PHE A 162 -10.80 -14.37 -16.28
N VAL A 163 -11.99 -14.10 -16.82
CA VAL A 163 -13.19 -14.83 -16.41
C VAL A 163 -12.98 -16.32 -16.65
N LYS A 164 -12.36 -16.64 -17.77
CA LYS A 164 -12.07 -18.02 -18.13
C LYS A 164 -11.19 -18.67 -17.07
N ASP A 165 -10.07 -18.03 -16.76
CA ASP A 165 -9.14 -18.57 -15.77
C ASP A 165 -9.72 -18.56 -14.37
N ALA A 166 -10.52 -17.55 -14.03
CA ALA A 166 -11.11 -17.48 -12.71
C ALA A 166 -12.16 -18.57 -12.49
N ASN A 167 -13.05 -18.77 -13.46
CA ASN A 167 -14.08 -19.79 -13.32
C ASN A 167 -13.47 -21.19 -13.24
N ALA A 168 -12.35 -21.38 -13.93
CA ALA A 168 -11.67 -22.66 -13.98
C ALA A 168 -10.86 -23.01 -12.74
N HIS A 169 -9.97 -22.11 -12.34
CA HIS A 169 -9.09 -22.37 -11.20
C HIS A 169 -9.22 -21.47 -9.98
N GLY A 170 -10.16 -20.53 -9.99
CA GLY A 170 -10.35 -19.68 -8.84
C GLY A 170 -9.63 -18.34 -8.78
N PHE A 171 -10.25 -17.40 -8.07
CA PHE A 171 -9.71 -16.07 -7.87
C PHE A 171 -10.32 -15.51 -6.59
N MET A 172 -9.48 -14.94 -5.74
CA MET A 172 -9.93 -14.34 -4.49
C MET A 172 -8.96 -13.24 -4.09
N TYR A 173 -9.44 -12.30 -3.30
CA TYR A 173 -8.61 -11.22 -2.80
C TYR A 173 -9.38 -10.47 -1.73
N ASP A 174 -8.72 -9.50 -1.11
CA ASP A 174 -9.32 -8.71 -0.05
C ASP A 174 -10.35 -7.78 -0.69
N GLN A 175 -11.40 -8.39 -1.23
CA GLN A 175 -12.46 -7.69 -1.96
C GLN A 175 -13.14 -6.45 -1.40
N ALA A 176 -13.33 -6.37 -0.10
CA ALA A 176 -14.00 -5.20 0.46
C ALA A 176 -13.03 -4.16 1.02
N ASN A 177 -11.76 -4.31 0.64
CA ASN A 177 -10.71 -3.38 1.08
C ASN A 177 -10.51 -2.38 -0.08
N LEU A 178 -10.82 -1.11 0.17
CA LEU A 178 -10.70 -0.07 -0.86
C LEU A 178 -9.29 -0.01 -1.48
N TYR A 179 -8.28 -0.26 -0.67
CA TYR A 179 -6.91 -0.23 -1.17
C TYR A 179 -6.79 -1.13 -2.39
N PHE A 180 -7.46 -2.27 -2.37
CA PHE A 180 -7.39 -3.20 -3.49
C PHE A 180 -8.48 -3.04 -4.53
N ASP A 181 -9.73 -2.87 -4.09
CA ASP A 181 -10.79 -2.77 -5.08
C ASP A 181 -10.89 -1.44 -5.80
N TYR A 182 -10.09 -0.46 -5.39
CA TYR A 182 -10.10 0.84 -6.07
C TYR A 182 -9.65 0.64 -7.51
N ALA A 183 -8.87 -0.40 -7.75
CA ALA A 183 -8.40 -0.71 -9.10
C ALA A 183 -9.57 -0.78 -10.08
N ILE A 184 -10.67 -1.34 -9.60
CA ILE A 184 -11.86 -1.47 -10.42
C ILE A 184 -12.64 -0.16 -10.45
N ILE A 185 -12.78 0.46 -9.28
CA ILE A 185 -13.49 1.72 -9.16
C ILE A 185 -12.86 2.78 -10.07
N GLY A 186 -11.55 2.95 -9.96
CA GLY A 186 -10.88 3.93 -10.79
C GLY A 186 -10.99 3.58 -12.25
N GLY A 187 -11.05 2.28 -12.56
CA GLY A 187 -11.16 1.85 -13.93
C GLY A 187 -12.47 2.31 -14.57
N TYR A 188 -13.50 2.47 -13.74
CA TYR A 188 -14.79 2.91 -14.24
C TYR A 188 -15.01 4.41 -14.13
N GLY A 189 -13.94 5.14 -13.85
CA GLY A 189 -14.06 6.59 -13.75
C GLY A 189 -14.30 7.12 -12.36
N GLY A 190 -14.30 6.24 -11.37
CA GLY A 190 -14.50 6.69 -10.00
C GLY A 190 -13.20 7.25 -9.47
N TYR A 191 -13.28 8.05 -8.41
CA TYR A 191 -12.08 8.63 -7.81
C TYR A 191 -12.41 8.99 -6.36
N VAL A 192 -11.39 9.11 -5.51
CA VAL A 192 -11.64 9.44 -4.11
C VAL A 192 -11.84 10.94 -3.94
N PHE A 193 -10.79 11.72 -4.16
CA PHE A 193 -10.86 13.18 -4.08
C PHE A 193 -10.42 13.71 -5.43
N LYS A 194 -11.15 14.69 -5.95
CA LYS A 194 -10.83 15.27 -7.24
C LYS A 194 -9.43 15.89 -7.25
N ASP A 195 -8.63 15.50 -8.24
CA ASP A 195 -7.27 16.03 -8.37
C ASP A 195 -7.30 17.20 -9.33
N ASN A 196 -6.93 18.38 -8.85
CA ASN A 196 -6.90 19.57 -9.68
C ASN A 196 -5.48 20.09 -9.80
N ASN A 197 -4.73 19.52 -10.74
CA ASN A 197 -3.34 19.90 -10.98
C ASN A 197 -2.50 19.78 -9.72
N GLY A 198 -2.53 18.59 -9.10
CA GLY A 198 -1.74 18.36 -7.91
C GLY A 198 -2.44 18.66 -6.60
N THR A 199 -3.43 19.54 -6.63
CA THR A 199 -4.16 19.88 -5.42
C THR A 199 -5.44 19.06 -5.31
N LEU A 200 -5.60 18.36 -4.19
CA LEU A 200 -6.76 17.53 -3.98
C LEU A 200 -7.91 18.32 -3.35
N ASP A 201 -9.11 18.08 -3.85
CA ASP A 201 -10.30 18.75 -3.35
C ASP A 201 -11.11 17.76 -2.50
N PRO A 202 -10.92 17.78 -1.17
CA PRO A 202 -11.66 16.87 -0.29
C PRO A 202 -13.17 17.06 -0.31
N ASN A 203 -13.65 18.07 -1.02
CA ASN A 203 -15.09 18.31 -1.11
C ASN A 203 -15.68 17.75 -2.39
N ASN A 204 -14.81 17.26 -3.27
CA ASN A 204 -15.25 16.68 -4.54
C ASN A 204 -14.90 15.19 -4.51
N ILE A 205 -15.81 14.40 -3.93
CA ILE A 205 -15.62 12.96 -3.81
C ILE A 205 -16.33 12.26 -4.97
N GLY A 206 -15.65 11.33 -5.62
CA GLY A 206 -16.24 10.63 -6.76
C GLY A 206 -16.52 9.16 -6.55
N LEU A 207 -16.89 8.80 -5.33
CA LEU A 207 -17.16 7.41 -5.02
C LEU A 207 -18.64 7.04 -5.15
N ASP A 208 -19.45 7.96 -5.66
CA ASP A 208 -20.86 7.69 -5.86
C ASP A 208 -21.33 8.19 -7.23
N THR A 209 -20.37 8.28 -8.16
CA THR A 209 -20.68 8.70 -9.52
C THR A 209 -21.24 7.47 -10.25
N PRO A 210 -21.92 7.67 -11.39
CA PRO A 210 -22.46 6.51 -12.11
C PRO A 210 -21.39 5.47 -12.46
N GLY A 211 -20.15 5.93 -12.65
CA GLY A 211 -19.08 5.01 -12.96
C GLY A 211 -18.74 4.14 -11.76
N ALA A 212 -18.67 4.75 -10.58
CA ALA A 212 -18.37 3.99 -9.36
C ALA A 212 -19.46 2.95 -9.10
N VAL A 213 -20.71 3.35 -9.26
CA VAL A 213 -21.83 2.43 -9.05
C VAL A 213 -21.70 1.20 -9.92
N GLN A 214 -21.24 1.39 -11.16
CA GLN A 214 -21.05 0.28 -12.07
C GLN A 214 -19.94 -0.63 -11.55
N ALA A 215 -18.92 -0.04 -10.93
CA ALA A 215 -17.81 -0.80 -10.38
C ALA A 215 -18.31 -1.65 -9.20
N TYR A 216 -19.12 -1.05 -8.34
CA TYR A 216 -19.66 -1.75 -7.18
C TYR A 216 -20.53 -2.93 -7.62
N THR A 217 -21.19 -2.77 -8.75
CA THR A 217 -22.05 -3.82 -9.29
C THR A 217 -21.20 -5.01 -9.71
N LEU A 218 -20.08 -4.73 -10.37
CA LEU A 218 -19.18 -5.80 -10.80
C LEU A 218 -18.61 -6.49 -9.57
N MET A 219 -18.34 -5.70 -8.52
CA MET A 219 -17.81 -6.27 -7.29
C MET A 219 -18.84 -7.22 -6.70
N ARG A 220 -20.11 -6.82 -6.80
CA ARG A 220 -21.21 -7.64 -6.31
C ARG A 220 -21.29 -8.93 -7.13
N ASP A 221 -21.21 -8.80 -8.45
CA ASP A 221 -21.30 -9.95 -9.34
C ASP A 221 -20.23 -11.03 -9.10
N MET A 222 -19.04 -10.61 -8.69
CA MET A 222 -17.97 -11.56 -8.44
C MET A 222 -18.37 -12.56 -7.37
N VAL A 223 -19.41 -12.23 -6.61
CA VAL A 223 -19.90 -13.10 -5.56
C VAL A 223 -21.23 -13.74 -5.93
N SER A 224 -22.21 -12.91 -6.28
CA SER A 224 -23.54 -13.38 -6.61
C SER A 224 -23.73 -14.14 -7.92
N LYS A 225 -22.94 -13.84 -8.95
CA LYS A 225 -23.11 -14.56 -10.20
C LYS A 225 -21.92 -15.39 -10.64
N TYR A 226 -20.71 -14.88 -10.43
CA TYR A 226 -19.50 -15.60 -10.79
C TYR A 226 -19.17 -16.61 -9.70
N HIS A 227 -19.58 -16.30 -8.47
CA HIS A 227 -19.32 -17.16 -7.32
C HIS A 227 -17.84 -17.44 -7.10
N TRP A 228 -16.98 -16.47 -7.43
CA TRP A 228 -15.55 -16.65 -7.22
C TRP A 228 -15.25 -16.53 -5.74
N MET A 229 -16.03 -15.69 -5.05
CA MET A 229 -15.86 -15.49 -3.62
C MET A 229 -17.22 -15.46 -2.95
N THR A 230 -17.21 -15.52 -1.63
CA THR A 230 -18.44 -15.45 -0.84
C THR A 230 -18.35 -14.12 -0.13
N PRO A 231 -19.48 -13.61 0.40
CA PRO A 231 -19.42 -12.32 1.10
C PRO A 231 -18.43 -12.35 2.27
N SER A 232 -18.03 -13.55 2.68
CA SER A 232 -17.11 -13.72 3.80
C SER A 232 -15.63 -13.71 3.45
N THR A 233 -15.30 -13.93 2.17
CA THR A 233 -13.90 -13.96 1.75
C THR A 233 -13.19 -12.64 1.98
N ASN A 234 -11.99 -12.72 2.55
CA ASN A 234 -11.17 -11.53 2.80
C ASN A 234 -9.74 -11.85 2.42
N GLY A 235 -8.81 -10.93 2.70
CA GLY A 235 -7.42 -11.15 2.37
C GLY A 235 -6.80 -12.39 2.99
N SER A 236 -7.13 -12.66 4.25
CA SER A 236 -6.60 -13.82 4.97
C SER A 236 -6.95 -15.14 4.30
N ILE A 237 -8.22 -15.29 3.94
CA ILE A 237 -8.71 -16.50 3.30
C ILE A 237 -8.10 -16.64 1.91
N ALA A 238 -8.12 -15.54 1.15
CA ALA A 238 -7.56 -15.58 -0.20
C ALA A 238 -6.08 -16.02 -0.18
N LYS A 239 -5.29 -15.45 0.74
CA LYS A 239 -3.88 -15.81 0.84
C LYS A 239 -3.69 -17.28 1.21
N ALA A 240 -4.45 -17.75 2.20
CA ALA A 240 -4.36 -19.14 2.64
C ALA A 240 -4.72 -20.09 1.51
N GLU A 241 -5.78 -19.78 0.78
CA GLU A 241 -6.20 -20.62 -0.34
C GLU A 241 -5.12 -20.68 -1.41
N PHE A 242 -4.55 -19.52 -1.73
CA PHE A 242 -3.50 -19.47 -2.75
C PHE A 242 -2.29 -20.29 -2.31
N LEU A 243 -1.88 -20.12 -1.06
CA LEU A 243 -0.71 -20.84 -0.55
C LEU A 243 -0.93 -22.35 -0.53
N ALA A 244 -2.19 -22.77 -0.51
CA ALA A 244 -2.52 -24.20 -0.48
C ALA A 244 -2.67 -24.74 -1.90
N GLY A 245 -2.48 -23.87 -2.89
CA GLY A 245 -2.60 -24.28 -4.27
C GLY A 245 -4.03 -24.59 -4.70
N LYS A 246 -5.01 -23.98 -4.03
CA LYS A 246 -6.40 -24.22 -4.37
C LYS A 246 -6.97 -23.22 -5.36
N ILE A 247 -6.38 -22.03 -5.42
CA ILE A 247 -6.85 -21.02 -6.38
C ILE A 247 -5.67 -20.61 -7.25
N GLY A 248 -5.97 -20.26 -8.50
CA GLY A 248 -4.92 -19.89 -9.42
C GLY A 248 -4.47 -18.44 -9.39
N MET A 249 -5.34 -17.54 -8.97
CA MET A 249 -5.00 -16.12 -8.93
C MET A 249 -5.36 -15.45 -7.62
N TYR A 250 -4.58 -14.43 -7.27
CA TYR A 250 -4.75 -13.72 -6.02
C TYR A 250 -4.14 -12.32 -6.19
N VAL A 251 -4.77 -11.31 -5.60
CA VAL A 251 -4.25 -9.95 -5.69
C VAL A 251 -3.44 -9.65 -4.45
N SER A 252 -2.17 -9.30 -4.64
CA SER A 252 -1.33 -9.01 -3.49
C SER A 252 -0.14 -8.10 -3.81
N GLY A 253 0.85 -8.11 -2.92
CA GLY A 253 2.03 -7.29 -3.11
C GLY A 253 3.27 -7.99 -2.60
N PRO A 254 4.46 -7.37 -2.75
CA PRO A 254 5.74 -7.93 -2.31
C PRO A 254 5.77 -8.39 -0.86
N TRP A 255 4.82 -7.92 -0.05
CA TRP A 255 4.78 -8.31 1.35
C TRP A 255 4.48 -9.82 1.51
N ASP A 256 3.96 -10.44 0.45
CA ASP A 256 3.65 -11.86 0.46
C ASP A 256 4.68 -12.73 -0.26
N THR A 257 5.63 -12.11 -0.94
CA THR A 257 6.63 -12.86 -1.69
C THR A 257 7.28 -14.01 -0.91
N ALA A 258 7.77 -13.71 0.29
CA ALA A 258 8.42 -14.72 1.13
C ALA A 258 7.50 -15.89 1.49
N ASP A 259 6.29 -15.60 1.94
CA ASP A 259 5.35 -16.66 2.29
C ASP A 259 5.01 -17.52 1.09
N ILE A 260 4.97 -16.92 -0.10
CA ILE A 260 4.66 -17.66 -1.31
C ILE A 260 5.79 -18.63 -1.66
N GLU A 261 7.03 -18.18 -1.56
CA GLU A 261 8.18 -19.01 -1.85
C GLU A 261 8.35 -20.13 -0.83
N LYS A 262 7.97 -19.87 0.41
CA LYS A 262 8.08 -20.88 1.45
C LYS A 262 7.07 -21.99 1.20
N ALA A 263 5.96 -21.63 0.55
CA ALA A 263 4.93 -22.59 0.23
C ALA A 263 5.31 -23.25 -1.10
N LYS A 264 6.49 -22.90 -1.58
CA LYS A 264 7.04 -23.42 -2.83
C LYS A 264 6.08 -23.41 -4.01
N ILE A 265 5.30 -22.34 -4.12
CA ILE A 265 4.37 -22.18 -5.22
C ILE A 265 5.16 -21.59 -6.38
N ASP A 266 5.01 -22.15 -7.57
CA ASP A 266 5.71 -21.63 -8.74
C ASP A 266 4.83 -20.50 -9.26
N PHE A 267 5.05 -19.31 -8.74
CA PHE A 267 4.24 -18.15 -9.07
C PHE A 267 4.77 -17.20 -10.14
N GLY A 268 3.86 -16.38 -10.63
CA GLY A 268 4.17 -15.38 -11.61
C GLY A 268 3.47 -14.12 -11.13
N VAL A 269 3.84 -12.98 -11.71
CA VAL A 269 3.22 -11.71 -11.32
C VAL A 269 2.75 -11.05 -12.61
N THR A 270 1.51 -10.58 -12.61
CA THR A 270 0.98 -9.95 -13.80
C THR A 270 0.05 -8.83 -13.38
N PRO A 271 -0.07 -7.79 -14.22
CA PRO A 271 -0.95 -6.67 -13.89
C PRO A 271 -2.43 -7.03 -13.93
N TRP A 272 -3.27 -6.14 -13.43
CA TRP A 272 -4.70 -6.39 -13.49
C TRP A 272 -5.04 -6.49 -14.97
N PRO A 273 -6.04 -7.29 -15.31
CA PRO A 273 -6.41 -7.42 -16.74
C PRO A 273 -7.25 -6.17 -17.04
N THR A 274 -7.54 -5.91 -18.30
CA THR A 274 -8.40 -4.77 -18.61
C THR A 274 -9.77 -5.18 -18.09
N LEU A 275 -10.59 -4.19 -17.73
CA LEU A 275 -11.92 -4.47 -17.20
C LEU A 275 -12.92 -4.70 -18.34
N PRO A 276 -14.13 -5.18 -18.01
CA PRO A 276 -15.11 -5.42 -19.07
C PRO A 276 -15.48 -4.21 -19.93
N ASN A 277 -15.09 -3.02 -19.48
CA ASN A 277 -15.39 -1.82 -20.25
C ASN A 277 -14.21 -1.51 -21.18
N GLY A 278 -13.27 -2.44 -21.23
CA GLY A 278 -12.11 -2.28 -22.09
C GLY A 278 -11.04 -1.35 -21.55
N LYS A 279 -11.25 -0.82 -20.34
CA LYS A 279 -10.30 0.09 -19.72
C LYS A 279 -9.32 -0.63 -18.79
N HIS A 280 -8.17 0.00 -18.54
CA HIS A 280 -7.18 -0.58 -17.65
C HIS A 280 -7.58 -0.29 -16.20
N ALA A 281 -7.29 -1.24 -15.31
CA ALA A 281 -7.60 -1.05 -13.90
C ALA A 281 -6.61 -0.02 -13.38
N THR A 282 -6.97 0.69 -12.33
CA THR A 282 -6.09 1.72 -11.78
C THR A 282 -5.72 1.51 -10.32
N PRO A 283 -4.77 0.60 -10.05
CA PRO A 283 -4.40 0.37 -8.66
C PRO A 283 -3.73 1.60 -8.04
N PHE A 284 -3.69 1.63 -6.72
CA PHE A 284 -3.07 2.73 -6.01
C PHE A 284 -1.56 2.55 -6.06
N LEU A 285 -0.84 3.67 -5.95
CA LEU A 285 0.61 3.63 -5.88
C LEU A 285 0.85 3.97 -4.42
N GLY A 286 1.60 3.12 -3.74
CA GLY A 286 1.89 3.36 -2.35
C GLY A 286 3.39 3.56 -2.20
N VAL A 287 3.78 4.51 -1.36
CA VAL A 287 5.19 4.77 -1.10
C VAL A 287 5.44 4.41 0.36
N ILE A 288 6.40 3.51 0.59
CA ILE A 288 6.75 3.10 1.95
C ILE A 288 7.79 4.08 2.44
N THR A 289 7.56 4.64 3.63
CA THR A 289 8.46 5.67 4.17
C THR A 289 9.11 5.40 5.52
N ALA A 290 10.06 6.27 5.87
CA ALA A 290 10.75 6.20 7.15
C ALA A 290 10.77 7.63 7.65
N PHE A 291 10.58 7.84 8.95
CA PHE A 291 10.58 9.20 9.47
C PHE A 291 10.99 9.25 10.94
N VAL A 292 11.12 10.47 11.45
CA VAL A 292 11.55 10.70 12.82
C VAL A 292 10.49 11.37 13.67
N ASN A 293 10.35 10.89 14.91
CA ASN A 293 9.37 11.44 15.85
C ASN A 293 9.83 12.83 16.30
N LYS A 294 8.92 13.80 16.25
CA LYS A 294 9.23 15.17 16.66
C LYS A 294 9.67 15.23 18.12
N GLU A 295 9.18 14.29 18.93
CA GLU A 295 9.50 14.25 20.35
C GLU A 295 10.87 13.64 20.67
N SER A 296 11.47 12.95 19.72
CA SER A 296 12.77 12.32 19.95
C SER A 296 13.79 13.38 20.30
N LYS A 297 14.62 13.09 21.31
CA LYS A 297 15.63 14.03 21.74
C LYS A 297 16.92 13.94 20.93
N THR A 298 17.12 12.82 20.25
CA THR A 298 18.33 12.59 19.46
C THR A 298 18.06 12.65 17.96
N GLN A 299 17.45 13.73 17.49
CA GLN A 299 17.12 13.83 16.07
C GLN A 299 18.28 13.80 15.09
N ALA A 300 19.42 14.38 15.44
CA ALA A 300 20.56 14.35 14.52
C ALA A 300 20.98 12.89 14.30
N ALA A 301 21.07 12.14 15.39
CA ALA A 301 21.43 10.73 15.31
C ALA A 301 20.34 9.95 14.60
N ASP A 302 19.09 10.28 14.92
CA ASP A 302 17.95 9.62 14.29
C ASP A 302 18.01 9.67 12.77
N TRP A 303 18.30 10.85 12.22
CA TRP A 303 18.37 11.01 10.77
C TRP A 303 19.54 10.26 10.17
N SER A 304 20.65 10.18 10.91
CA SER A 304 21.81 9.44 10.45
C SER A 304 21.41 7.98 10.31
N LEU A 305 20.62 7.49 11.28
CA LEU A 305 20.16 6.11 11.26
C LEU A 305 19.21 5.90 10.08
N VAL A 306 18.28 6.83 9.90
CA VAL A 306 17.33 6.77 8.79
C VAL A 306 18.07 6.67 7.46
N GLN A 307 19.12 7.48 7.30
CA GLN A 307 19.88 7.45 6.06
C GLN A 307 20.49 6.07 5.81
N ALA A 308 20.93 5.41 6.88
CA ALA A 308 21.51 4.09 6.75
C ALA A 308 20.44 3.06 6.35
N LEU A 309 19.25 3.18 6.95
CA LEU A 309 18.15 2.26 6.67
C LEU A 309 17.45 2.49 5.33
N THR A 310 17.72 3.62 4.67
CA THR A 310 17.06 3.92 3.41
C THR A 310 18.00 4.20 2.24
N SER A 311 19.26 3.81 2.39
CA SER A 311 20.27 4.04 1.34
C SER A 311 20.11 3.11 0.16
N ALA A 312 20.88 3.36 -0.90
CA ALA A 312 20.83 2.53 -2.09
C ALA A 312 21.21 1.10 -1.72
N GLN A 313 22.22 0.96 -0.86
CA GLN A 313 22.67 -0.36 -0.41
C GLN A 313 21.54 -1.08 0.33
N ALA A 314 20.86 -0.34 1.20
CA ALA A 314 19.75 -0.92 1.97
C ALA A 314 18.64 -1.39 1.05
N GLN A 315 18.26 -0.53 0.09
CA GLN A 315 17.18 -0.87 -0.82
C GLN A 315 17.50 -2.11 -1.67
N GLN A 316 18.77 -2.34 -1.95
CA GLN A 316 19.18 -3.52 -2.70
C GLN A 316 18.91 -4.75 -1.83
N MET A 317 19.22 -4.63 -0.55
CA MET A 317 19.00 -5.73 0.38
C MET A 317 17.52 -6.04 0.53
N TYR A 318 16.68 -5.01 0.65
CA TYR A 318 15.25 -5.21 0.80
C TYR A 318 14.64 -5.89 -0.43
N PHE A 319 15.23 -5.65 -1.59
CA PHE A 319 14.74 -6.25 -2.83
C PHE A 319 15.06 -7.74 -2.91
N ARG A 320 16.25 -8.11 -2.44
CA ARG A 320 16.74 -9.49 -2.49
C ARG A 320 15.72 -10.62 -2.33
N ASP A 321 15.00 -10.65 -1.23
CA ASP A 321 14.05 -11.72 -1.01
C ASP A 321 12.58 -11.44 -1.33
N SER A 322 12.04 -10.36 -0.76
CA SER A 322 10.64 -10.02 -0.98
C SER A 322 10.34 -9.39 -2.33
N GLN A 323 11.39 -8.94 -3.02
CA GLN A 323 11.24 -8.30 -4.33
C GLN A 323 10.59 -6.93 -4.19
N GLN A 324 10.80 -6.29 -3.05
CA GLN A 324 10.26 -4.97 -2.78
C GLN A 324 10.93 -4.01 -3.77
N ILE A 325 10.12 -3.28 -4.55
CA ILE A 325 10.65 -2.35 -5.54
C ILE A 325 11.27 -1.12 -4.87
N PRO A 326 12.55 -0.84 -5.14
CA PRO A 326 13.18 0.33 -4.53
C PRO A 326 12.61 1.67 -5.01
N ALA A 327 12.62 2.66 -4.11
CA ALA A 327 12.14 3.99 -4.44
C ALA A 327 13.20 4.77 -5.25
N LEU A 328 14.47 4.49 -4.98
CA LEU A 328 15.56 5.16 -5.71
C LEU A 328 15.61 4.69 -7.16
N LEU A 329 15.59 5.64 -8.09
CA LEU A 329 15.63 5.30 -9.51
C LEU A 329 16.89 4.56 -9.92
N SER A 330 18.02 4.90 -9.30
CA SER A 330 19.28 4.25 -9.65
C SER A 330 19.29 2.77 -9.30
N VAL A 331 18.61 2.39 -8.21
CA VAL A 331 18.58 0.98 -7.86
C VAL A 331 17.55 0.25 -8.74
N GLN A 332 16.50 0.96 -9.14
CA GLN A 332 15.49 0.37 -10.01
C GLN A 332 16.13 -0.03 -11.34
N ARG A 333 17.19 0.67 -11.71
CA ARG A 333 17.89 0.41 -12.97
C ARG A 333 18.85 -0.77 -12.93
N SER A 334 19.09 -1.33 -11.75
CA SER A 334 20.00 -2.48 -11.64
C SER A 334 19.39 -3.63 -12.44
N SER A 335 20.24 -4.45 -13.04
CA SER A 335 19.78 -5.57 -13.86
C SER A 335 18.93 -6.57 -13.07
N ALA A 336 19.29 -6.83 -11.82
CA ALA A 336 18.54 -7.77 -10.99
C ALA A 336 17.09 -7.31 -10.85
N VAL A 337 16.88 -6.00 -10.68
CA VAL A 337 15.54 -5.45 -10.54
C VAL A 337 14.82 -5.43 -11.87
N GLN A 338 15.50 -4.97 -12.92
CA GLN A 338 14.89 -4.89 -14.25
C GLN A 338 14.36 -6.23 -14.75
N SER A 339 15.01 -7.32 -14.34
CA SER A 339 14.60 -8.64 -14.80
C SER A 339 13.61 -9.40 -13.92
N SER A 340 13.23 -8.81 -12.79
CA SER A 340 12.31 -9.50 -11.88
C SER A 340 10.85 -9.42 -12.34
N PRO A 341 10.08 -10.49 -12.08
CA PRO A 341 8.67 -10.48 -12.49
C PRO A 341 7.88 -9.38 -11.79
N THR A 342 8.24 -9.10 -10.55
CA THR A 342 7.55 -8.07 -9.78
C THR A 342 7.75 -6.69 -10.41
N PHE A 343 8.97 -6.39 -10.82
CA PHE A 343 9.22 -5.09 -11.44
C PHE A 343 8.55 -4.98 -12.81
N LYS A 344 8.51 -6.08 -13.56
CA LYS A 344 7.86 -6.04 -14.87
C LYS A 344 6.38 -5.67 -14.76
N ALA A 345 5.67 -6.26 -13.79
CA ALA A 345 4.26 -5.93 -13.61
C ALA A 345 4.15 -4.47 -13.20
N PHE A 346 5.05 -4.06 -12.31
CA PHE A 346 5.08 -2.68 -11.82
C PHE A 346 5.21 -1.67 -12.95
N VAL A 347 6.21 -1.87 -13.80
CA VAL A 347 6.45 -0.94 -14.89
C VAL A 347 5.32 -0.88 -15.91
N GLU A 348 4.57 -1.97 -16.04
CA GLU A 348 3.46 -1.99 -16.99
C GLU A 348 2.19 -1.33 -16.43
N GLN A 349 2.09 -1.24 -15.11
CA GLN A 349 0.93 -0.62 -14.46
C GLN A 349 1.19 0.79 -13.95
N LEU A 350 2.47 1.15 -13.83
CA LEU A 350 2.82 2.45 -13.28
C LEU A 350 2.08 3.66 -13.83
N ARG A 351 2.00 3.81 -15.14
CA ARG A 351 1.34 4.99 -15.68
C ARG A 351 -0.18 5.03 -15.44
N TYR A 352 -0.75 3.91 -14.97
CA TYR A 352 -2.17 3.84 -14.69
C TYR A 352 -2.43 3.92 -13.18
N ALA A 353 -1.38 3.78 -12.39
CA ALA A 353 -1.52 3.82 -10.93
C ALA A 353 -1.82 5.22 -10.41
N VAL A 354 -2.60 5.28 -9.34
CA VAL A 354 -2.96 6.55 -8.72
C VAL A 354 -2.37 6.65 -7.34
N PRO A 355 -1.53 7.66 -7.07
CA PRO A 355 -0.95 7.77 -5.74
C PRO A 355 -2.03 7.99 -4.69
N MET A 356 -1.94 7.26 -3.59
CA MET A 356 -2.91 7.43 -2.52
C MET A 356 -2.84 8.85 -1.98
N PRO A 357 -4.00 9.44 -1.66
CA PRO A 357 -4.00 10.80 -1.11
C PRO A 357 -3.31 10.71 0.25
N ASN A 358 -2.58 11.75 0.64
CA ASN A 358 -1.93 11.70 1.94
C ASN A 358 -2.51 12.72 2.90
N ILE A 359 -3.62 13.37 2.52
CA ILE A 359 -4.24 14.34 3.40
C ILE A 359 -4.98 13.63 4.51
N PRO A 360 -5.14 14.30 5.67
CA PRO A 360 -5.82 13.73 6.83
C PRO A 360 -7.17 13.09 6.53
N GLN A 361 -7.94 13.72 5.65
CA GLN A 361 -9.27 13.22 5.31
C GLN A 361 -9.28 11.82 4.70
N MET A 362 -8.15 11.36 4.17
CA MET A 362 -8.10 10.03 3.59
C MET A 362 -8.40 8.96 4.64
N GLN A 363 -8.10 9.25 5.89
CA GLN A 363 -8.37 8.27 6.95
C GLN A 363 -9.87 8.08 7.14
N ALA A 364 -10.64 9.14 6.89
CA ALA A 364 -12.09 9.07 7.03
C ALA A 364 -12.62 8.10 5.97
N VAL A 365 -11.90 8.01 4.86
CA VAL A 365 -12.28 7.12 3.78
C VAL A 365 -12.07 5.66 4.18
N TRP A 366 -10.88 5.35 4.70
CA TRP A 366 -10.57 4.00 5.12
C TRP A 366 -11.56 3.52 6.20
N GLN A 367 -11.96 4.43 7.08
CA GLN A 367 -12.87 4.06 8.17
C GLN A 367 -14.35 3.93 7.78
N ALA A 368 -14.73 4.42 6.60
CA ALA A 368 -16.12 4.32 6.16
C ALA A 368 -16.24 3.18 5.14
N MET A 369 -15.08 2.59 4.87
CA MET A 369 -14.91 1.50 3.91
C MET A 369 -15.73 0.23 4.16
N SER A 370 -16.11 0.00 5.42
CA SER A 370 -16.89 -1.18 5.77
C SER A 370 -18.19 -1.31 4.96
N ILE A 371 -18.70 -0.19 4.46
CA ILE A 371 -19.93 -0.22 3.67
C ILE A 371 -19.81 -1.10 2.44
N LEU A 372 -18.60 -1.21 1.91
CA LEU A 372 -18.37 -2.02 0.71
C LEU A 372 -18.74 -3.48 0.94
N GLN A 373 -18.59 -3.94 2.18
CA GLN A 373 -18.94 -5.32 2.47
C GLN A 373 -20.46 -5.50 2.39
N ASN A 374 -21.21 -4.46 2.72
CA ASN A 374 -22.66 -4.53 2.65
C ASN A 374 -23.10 -4.62 1.21
N ILE A 375 -22.41 -3.90 0.34
CA ILE A 375 -22.74 -3.91 -1.08
C ILE A 375 -22.44 -5.29 -1.65
N ILE A 376 -21.29 -5.83 -1.27
CA ILE A 376 -20.86 -7.15 -1.76
C ILE A 376 -21.79 -8.25 -1.25
N ALA A 377 -22.26 -8.10 -0.02
CA ALA A 377 -23.14 -9.10 0.59
C ALA A 377 -24.58 -8.94 0.16
N GLY A 378 -24.88 -7.87 -0.58
CA GLY A 378 -26.23 -7.65 -1.04
C GLY A 378 -27.18 -7.12 0.01
N LYS A 379 -26.65 -6.55 1.08
CA LYS A 379 -27.47 -5.99 2.15
C LYS A 379 -28.07 -4.68 1.67
N VAL A 380 -27.36 -4.04 0.74
CA VAL A 380 -27.78 -2.76 0.17
C VAL A 380 -27.47 -2.84 -1.32
N SER A 381 -28.21 -2.08 -2.12
CA SER A 381 -27.95 -2.09 -3.56
C SER A 381 -26.73 -1.21 -3.82
N PRO A 382 -26.05 -1.42 -4.96
CA PRO A 382 -24.88 -0.61 -5.26
C PRO A 382 -25.19 0.89 -5.33
N GLU A 383 -26.40 1.22 -5.80
CA GLU A 383 -26.82 2.61 -5.91
C GLU A 383 -26.86 3.27 -4.53
N GLN A 384 -27.62 2.66 -3.62
CA GLN A 384 -27.77 3.18 -2.28
C GLN A 384 -26.49 3.08 -1.48
N GLY A 385 -25.76 1.97 -1.66
CA GLY A 385 -24.51 1.77 -0.94
C GLY A 385 -23.52 2.87 -1.27
N ALA A 386 -23.49 3.27 -2.54
CA ALA A 386 -22.60 4.32 -2.99
C ALA A 386 -22.90 5.62 -2.24
N LYS A 387 -24.19 5.90 -2.08
CA LYS A 387 -24.64 7.11 -1.40
C LYS A 387 -24.29 7.08 0.09
N ASP A 388 -24.51 5.94 0.74
CA ASP A 388 -24.22 5.78 2.16
C ASP A 388 -22.71 5.91 2.41
N PHE A 389 -21.93 5.37 1.48
CA PHE A 389 -20.47 5.39 1.59
C PHE A 389 -19.97 6.82 1.62
N VAL A 390 -20.36 7.60 0.62
CA VAL A 390 -19.94 8.99 0.54
C VAL A 390 -20.41 9.82 1.73
N GLN A 391 -21.65 9.59 2.19
CA GLN A 391 -22.16 10.35 3.33
C GLN A 391 -21.38 10.04 4.60
N ASN A 392 -21.01 8.78 4.78
CA ASN A 392 -20.26 8.40 5.97
C ASN A 392 -18.84 8.97 5.91
N ILE A 393 -18.35 9.23 4.71
CA ILE A 393 -17.02 9.81 4.58
C ILE A 393 -17.09 11.30 4.93
N GLN A 394 -18.07 12.00 4.38
CA GLN A 394 -18.24 13.42 4.63
C GLN A 394 -18.45 13.68 6.13
N LYS A 395 -19.16 12.76 6.79
CA LYS A 395 -19.41 12.90 8.22
C LYS A 395 -18.10 12.74 8.99
N GLY A 396 -17.35 11.69 8.64
CA GLY A 396 -16.08 11.43 9.30
C GLY A 396 -15.13 12.62 9.16
N ILE A 397 -15.13 13.23 7.99
CA ILE A 397 -14.27 14.38 7.71
C ILE A 397 -14.69 15.56 8.58
N MET A 398 -16.00 15.72 8.74
CA MET A 398 -16.54 16.80 9.57
C MET A 398 -16.11 16.59 11.00
N ALA A 399 -16.06 15.33 11.43
CA ALA A 399 -15.65 14.99 12.79
C ALA A 399 -14.22 15.49 13.03
N GLN A 400 -13.36 15.28 12.05
CA GLN A 400 -11.96 15.71 12.15
C GLN A 400 -11.89 17.22 12.28
N GLY A 401 -10.70 17.73 12.56
CA GLY A 401 -10.54 19.17 12.70
C GLY A 401 -11.23 19.70 13.94
N SER A 402 -10.61 19.48 15.09
CA SER A 402 -11.15 19.93 16.38
C SER A 402 -12.54 19.36 16.64
#